data_2OSX
#
_entry.id   2OSX
#
_cell.length_a   77.801
_cell.length_b   61.984
_cell.length_c   102.846
_cell.angle_alpha   90.00
_cell.angle_beta   112.25
_cell.angle_gamma   90.00
#
_symmetry.space_group_name_H-M   'C 1 2 1'
#
loop_
_entity.id
_entity.type
_entity.pdbx_description
1 polymer 'Endoglycoceramidase II'
2 branched 'N-acetyl-alpha-neuraminic acid-(2-3)-beta-D-galactopyranose-(1-4)-beta-D-glucopyranose'
3 non-polymer 'SODIUM ION'
4 non-polymer N-((E,2S,3R)-1,3-DIHYDROXYOCTADEC-4-EN-2-YL)PALMITAMIDE
5 non-polymer GLYCEROL
6 water water
#
_entity_poly.entity_id   1
_entity_poly.type   'polypeptide(L)'
_entity_poly.pdbx_seq_one_letter_code
;MGSSHHHHHHSSGLVPRGSHMSGSGSGSGTALTPSYLKDDDGRSLILRGFNTASSAKSAPDGMPQFTEADLAREYADMGT
NFVRFLISWRSVEPAPGVYDQQYLDRVEDRVGWYAERGYKVMLDMHQDVYSGAITPEGNSGNGAGAIGNGAPAWATYMDG
LPVEPQPRWELYYIQPGVMRAFDNFWNTTGKHPELVEHYAKAWRAVADRFADNDAVVAYDLMNEPFGGSLQGPAFEAGPL
AAMYQRTTDAIRQVDQDTWVCVAPQAIGVNQGLPSGLTKIDDPRAGQQRIAYCPHLYPLPLDIGDGHEGLARTLTDVTID
AWRANTAHTARVLGDVPIILGSFGLDTTLPGARDYIERVYGTAREMGAGVSYWSSDPGPWGPYLPDGTQTLLVDTLNKPY
PRAVAGTPTEWSSTSDRLQLTIEPDAAITAPTEIYLPEAGFPGDVHVEGADVVGWDRQSRLLTVRTPADSGNVTVTVTPA
A
;
_entity_poly.pdbx_strand_id   A
#
# COMPACT_ATOMS: atom_id res chain seq x y z
N THR A 33 -15.79 13.70 6.53
CA THR A 33 -15.13 12.67 7.37
C THR A 33 -14.74 11.43 6.55
N PRO A 34 -13.71 10.73 6.99
CA PRO A 34 -13.18 9.59 6.24
C PRO A 34 -14.08 8.37 6.12
N SER A 35 -13.88 7.63 5.04
CA SER A 35 -14.53 6.36 4.73
CA SER A 35 -14.54 6.36 4.84
C SER A 35 -13.51 5.22 4.86
N TYR A 36 -14.00 4.04 5.20
CA TYR A 36 -13.14 2.89 5.51
C TYR A 36 -13.50 1.68 4.67
N LEU A 37 -12.48 0.90 4.34
CA LEU A 37 -12.70 -0.48 3.91
C LEU A 37 -13.31 -1.24 5.07
N LYS A 38 -14.12 -2.25 4.75
CA LYS A 38 -14.81 -3.07 5.73
CA LYS A 38 -14.73 -3.04 5.79
C LYS A 38 -14.47 -4.53 5.58
N ASP A 39 -14.45 -5.25 6.68
CA ASP A 39 -14.34 -6.69 6.64
C ASP A 39 -15.74 -7.30 6.43
N ASP A 40 -15.80 -8.63 6.35
CA ASP A 40 -17.06 -9.35 6.13
C ASP A 40 -18.04 -9.22 7.29
N ASP A 41 -17.55 -8.82 8.46
CA ASP A 41 -18.41 -8.55 9.61
C ASP A 41 -18.95 -7.11 9.61
N GLY A 42 -18.52 -6.30 8.65
CA GLY A 42 -18.93 -4.92 8.57
C GLY A 42 -18.08 -3.97 9.39
N ARG A 43 -17.00 -4.47 10.01
CA ARG A 43 -16.13 -3.59 10.81
C ARG A 43 -15.25 -2.74 9.91
N SER A 44 -14.98 -1.53 10.36
CA SER A 44 -14.11 -0.58 9.67
C SER A 44 -12.66 -0.90 9.96
N LEU A 45 -11.86 -0.98 8.91
CA LEU A 45 -10.49 -1.46 9.01
C LEU A 45 -9.49 -0.31 9.11
N ILE A 46 -8.61 -0.39 10.11
CA ILE A 46 -7.47 0.51 10.23
C ILE A 46 -6.25 -0.36 9.90
N LEU A 47 -5.62 -0.07 8.76
CA LEU A 47 -4.63 -0.97 8.16
C LEU A 47 -3.22 -0.44 8.39
N ARG A 48 -2.37 -1.33 8.91
CA ARG A 48 -0.99 -1.00 9.25
C ARG A 48 -0.07 -2.14 8.83
N GLY A 49 0.84 -1.87 7.90
CA GLY A 49 1.81 -2.88 7.54
C GLY A 49 2.92 -2.32 6.69
N PHE A 50 3.48 -3.21 5.88
CA PHE A 50 4.61 -2.94 5.00
C PHE A 50 4.27 -3.26 3.55
N ASN A 51 5.08 -2.64 2.68
CA ASN A 51 5.36 -3.16 1.34
C ASN A 51 6.30 -4.33 1.46
N THR A 52 5.86 -5.48 0.95
CA THR A 52 6.67 -6.71 0.95
C THR A 52 6.61 -7.31 -0.44
N ALA A 53 7.72 -7.32 -1.19
CA ALA A 53 8.98 -6.65 -0.86
C ALA A 53 9.67 -6.31 -2.17
N SER A 54 10.58 -5.35 -2.09
CA SER A 54 11.33 -4.93 -3.26
C SER A 54 12.18 -6.06 -3.86
N SER A 55 12.56 -7.03 -3.02
CA SER A 55 13.28 -8.22 -3.51
C SER A 55 12.48 -9.00 -4.56
N ALA A 56 11.15 -8.89 -4.59
CA ALA A 56 10.36 -9.57 -5.62
C ALA A 56 10.63 -9.04 -7.00
N LYS A 57 11.08 -7.79 -7.13
CA LYS A 57 11.19 -7.14 -8.42
C LYS A 57 12.12 -7.90 -9.36
N SER A 58 13.21 -8.42 -8.82
CA SER A 58 14.23 -9.11 -9.59
C SER A 58 14.16 -10.63 -9.56
N ALA A 59 13.32 -11.18 -8.69
CA ALA A 59 13.31 -12.62 -8.45
C ALA A 59 12.76 -13.33 -9.68
N PRO A 60 13.48 -14.34 -10.20
CA PRO A 60 12.94 -15.08 -11.34
C PRO A 60 11.54 -15.64 -11.14
N ASP A 61 11.24 -16.14 -9.94
CA ASP A 61 9.92 -16.70 -9.67
C ASP A 61 8.92 -15.65 -9.19
N GLY A 62 9.32 -14.38 -9.18
CA GLY A 62 8.44 -13.30 -8.82
C GLY A 62 8.18 -13.10 -7.36
N MET A 63 8.77 -13.93 -6.50
CA MET A 63 8.47 -13.93 -5.07
CA MET A 63 8.43 -13.88 -5.10
C MET A 63 9.47 -13.11 -4.31
N PRO A 64 9.03 -12.44 -3.25
CA PRO A 64 9.98 -11.75 -2.40
C PRO A 64 10.86 -12.72 -1.62
N GLN A 65 12.02 -12.25 -1.20
CA GLN A 65 12.89 -13.00 -0.30
C GLN A 65 12.37 -12.76 1.11
N PHE A 66 11.34 -13.51 1.44
CA PHE A 66 10.54 -13.26 2.65
C PHE A 66 9.85 -14.58 2.93
N THR A 67 10.04 -15.09 4.14
CA THR A 67 9.55 -16.40 4.53
C THR A 67 8.40 -16.28 5.52
N GLU A 68 7.75 -17.41 5.78
CA GLU A 68 6.71 -17.45 6.78
C GLU A 68 7.29 -17.07 8.15
N ALA A 69 8.51 -17.48 8.44
CA ALA A 69 9.19 -17.09 9.68
C ALA A 69 9.45 -15.59 9.74
N ASP A 70 9.77 -14.97 8.62
CA ASP A 70 9.89 -13.51 8.59
C ASP A 70 8.56 -12.85 8.93
N LEU A 71 7.46 -13.38 8.43
CA LEU A 71 6.17 -12.81 8.74
C LEU A 71 5.87 -12.99 10.22
N ALA A 72 6.19 -14.16 10.78
CA ALA A 72 5.96 -14.38 12.21
C ALA A 72 6.75 -13.36 13.05
N ARG A 73 7.97 -13.05 12.64
CA ARG A 73 8.79 -12.07 13.32
C ARG A 73 8.15 -10.69 13.25
N GLU A 74 7.71 -10.30 12.05
CA GLU A 74 7.07 -9.00 11.86
C GLU A 74 5.88 -8.87 12.81
N TYR A 75 5.03 -9.87 12.81
CA TYR A 75 3.83 -9.82 13.61
C TYR A 75 4.17 -9.77 15.09
N ALA A 76 5.12 -10.59 15.53
CA ALA A 76 5.53 -10.61 16.92
C ALA A 76 6.09 -9.27 17.37
N ASP A 77 6.80 -8.59 16.48
CA ASP A 77 7.48 -7.37 16.85
C ASP A 77 6.65 -6.10 16.71
N MET A 78 5.68 -6.08 15.79
CA MET A 78 4.95 -4.85 15.45
C MET A 78 3.44 -5.02 15.35
N GLY A 79 2.91 -6.24 15.34
CA GLY A 79 1.47 -6.43 15.36
C GLY A 79 0.73 -5.92 14.14
N THR A 80 1.39 -5.91 12.99
CA THR A 80 0.81 -5.43 11.74
C THR A 80 -0.36 -6.31 11.30
N ASN A 81 -1.24 -5.71 10.50
CA ASN A 81 -2.45 -6.37 10.01
C ASN A 81 -2.71 -6.15 8.54
N PHE A 82 -1.73 -5.62 7.80
CA PHE A 82 -1.89 -5.28 6.39
C PHE A 82 -0.59 -5.56 5.69
N VAL A 83 -0.66 -5.83 4.39
CA VAL A 83 0.52 -5.86 3.52
C VAL A 83 0.16 -5.32 2.17
N ARG A 84 1.07 -4.52 1.59
CA ARG A 84 1.03 -4.19 0.16
C ARG A 84 2.02 -5.16 -0.46
N PHE A 85 1.50 -6.21 -1.09
CA PHE A 85 2.29 -7.34 -1.57
C PHE A 85 2.59 -7.12 -3.04
N LEU A 86 3.87 -7.02 -3.38
CA LEU A 86 4.27 -6.71 -4.75
C LEU A 86 4.10 -7.92 -5.66
N ILE A 87 3.34 -7.72 -6.72
CA ILE A 87 3.24 -8.64 -7.86
C ILE A 87 3.75 -7.92 -9.09
N SER A 88 3.85 -8.60 -10.21
CA SER A 88 4.38 -7.98 -11.41
C SER A 88 3.71 -8.48 -12.67
N TRP A 89 3.57 -7.57 -13.61
CA TRP A 89 2.98 -7.91 -14.92
C TRP A 89 3.82 -8.96 -15.64
N ARG A 90 5.14 -8.83 -15.56
CA ARG A 90 6.02 -9.79 -16.21
C ARG A 90 5.85 -11.21 -15.67
N SER A 91 5.43 -11.34 -14.42
CA SER A 91 5.18 -12.64 -13.83
C SER A 91 3.76 -13.15 -14.16
N VAL A 92 2.78 -12.25 -14.19
CA VAL A 92 1.41 -12.65 -14.54
C VAL A 92 1.29 -13.08 -16.00
N GLU A 93 1.93 -12.31 -16.90
CA GLU A 93 1.75 -12.47 -18.35
C GLU A 93 3.11 -12.51 -19.02
N PRO A 94 3.83 -13.63 -18.83
CA PRO A 94 5.20 -13.69 -19.35
C PRO A 94 5.30 -13.70 -20.86
N ALA A 95 4.24 -14.10 -21.54
CA ALA A 95 4.12 -14.00 -22.99
C ALA A 95 2.72 -13.47 -23.26
N PRO A 96 2.52 -12.77 -24.39
CA PRO A 96 1.21 -12.13 -24.62
C PRO A 96 0.06 -13.11 -24.62
N GLY A 97 -0.92 -12.88 -23.74
CA GLY A 97 -2.07 -13.74 -23.64
C GLY A 97 -1.85 -15.07 -22.95
N VAL A 98 -0.66 -15.31 -22.39
CA VAL A 98 -0.34 -16.59 -21.77
C VAL A 98 -0.06 -16.36 -20.29
N TYR A 99 -1.09 -16.48 -19.45
CA TYR A 99 -0.95 -16.17 -18.04
C TYR A 99 -0.27 -17.32 -17.32
N ASP A 100 0.48 -16.99 -16.28
CA ASP A 100 1.21 -17.99 -15.52
C ASP A 100 0.47 -18.32 -14.23
N GLN A 101 -0.32 -19.40 -14.28
CA GLN A 101 -1.08 -19.85 -13.14
C GLN A 101 -0.17 -20.42 -12.06
N GLN A 102 1.02 -20.91 -12.43
CA GLN A 102 1.98 -21.33 -11.42
C GLN A 102 2.46 -20.16 -10.56
N TYR A 103 2.72 -19.01 -11.19
CA TYR A 103 3.05 -17.80 -10.45
C TYR A 103 1.89 -17.42 -9.53
N LEU A 104 0.67 -17.45 -10.05
CA LEU A 104 -0.47 -17.14 -9.20
C LEU A 104 -0.61 -18.12 -8.03
N ASP A 105 -0.25 -19.39 -8.25
CA ASP A 105 -0.19 -20.36 -7.14
C ASP A 105 0.81 -19.91 -6.06
N ARG A 106 1.96 -19.41 -6.49
CA ARG A 106 2.95 -18.93 -5.55
C ARG A 106 2.45 -17.71 -4.78
N VAL A 107 1.82 -16.76 -5.47
CA VAL A 107 1.23 -15.63 -4.77
C VAL A 107 0.20 -16.12 -3.77
N GLU A 108 -0.66 -17.04 -4.19
CA GLU A 108 -1.70 -17.56 -3.29
C GLU A 108 -1.10 -18.21 -2.04
N ASP A 109 0.01 -18.92 -2.20
CA ASP A 109 0.72 -19.51 -1.08
C ASP A 109 1.15 -18.43 -0.08
N ARG A 110 1.75 -17.35 -0.56
CA ARG A 110 2.15 -16.27 0.33
C ARG A 110 0.96 -15.58 0.97
N VAL A 111 -0.11 -15.36 0.21
CA VAL A 111 -1.32 -14.78 0.78
C VAL A 111 -1.83 -15.63 1.92
N GLY A 112 -1.70 -16.95 1.80
CA GLY A 112 -2.11 -17.83 2.89
C GLY A 112 -1.33 -17.64 4.17
N TRP A 113 -0.05 -17.29 4.08
CA TRP A 113 0.72 -16.98 5.30
C TRP A 113 0.08 -15.80 6.02
N TYR A 114 -0.24 -14.79 5.24
CA TYR A 114 -0.88 -13.58 5.76
C TYR A 114 -2.26 -13.89 6.33
N ALA A 115 -3.05 -14.67 5.60
CA ALA A 115 -4.40 -15.03 6.05
C ALA A 115 -4.36 -15.70 7.42
N GLU A 116 -3.39 -16.62 7.60
CA GLU A 116 -3.30 -17.40 8.84
C GLU A 116 -3.04 -16.52 10.05
N ARG A 117 -2.42 -15.36 9.83
CA ARG A 117 -2.09 -14.44 10.92
CA ARG A 117 -2.07 -14.44 10.89
C ARG A 117 -3.00 -13.22 10.96
N GLY A 118 -4.12 -13.32 10.27
CA GLY A 118 -5.15 -12.30 10.36
C GLY A 118 -4.89 -11.02 9.59
N TYR A 119 -4.00 -11.05 8.61
CA TYR A 119 -3.71 -9.88 7.78
C TYR A 119 -4.71 -9.74 6.67
N LYS A 120 -4.85 -8.51 6.20
CA LYS A 120 -5.49 -8.19 4.93
C LYS A 120 -4.41 -7.83 3.92
N VAL A 121 -4.64 -8.18 2.68
CA VAL A 121 -3.66 -8.04 1.61
C VAL A 121 -4.17 -7.13 0.51
N MET A 122 -3.29 -6.20 0.09
CA MET A 122 -3.46 -5.43 -1.14
C MET A 122 -2.41 -5.91 -2.11
N LEU A 123 -2.81 -6.38 -3.29
CA LEU A 123 -1.86 -6.79 -4.32
C LEU A 123 -1.52 -5.57 -5.17
N ASP A 124 -0.23 -5.29 -5.30
CA ASP A 124 0.29 -4.13 -6.05
C ASP A 124 0.95 -4.60 -7.33
N MET A 125 0.37 -4.22 -8.48
CA MET A 125 1.00 -4.48 -9.78
C MET A 125 2.13 -3.47 -9.90
N HIS A 126 3.33 -3.91 -9.53
CA HIS A 126 4.41 -3.00 -9.26
C HIS A 126 5.31 -2.86 -10.47
N GLN A 127 5.73 -1.61 -10.69
CA GLN A 127 6.78 -1.28 -11.67
C GLN A 127 7.57 -0.12 -11.11
N ASP A 128 8.84 -0.04 -11.50
CA ASP A 128 9.59 1.22 -11.43
C ASP A 128 10.35 1.32 -12.72
N VAL A 129 10.35 2.52 -13.28
CA VAL A 129 11.02 2.82 -14.56
C VAL A 129 10.70 1.75 -15.62
N TYR A 130 9.43 1.39 -15.65
CA TYR A 130 8.76 0.55 -16.65
C TYR A 130 9.06 -0.95 -16.56
N SER A 131 10.33 -1.34 -16.66
CA SER A 131 10.68 -2.73 -16.81
C SER A 131 12.16 -2.95 -16.58
N GLY A 132 12.53 -4.17 -16.22
CA GLY A 132 13.94 -4.56 -16.27
C GLY A 132 14.49 -4.62 -17.68
N ALA A 133 13.62 -4.66 -18.68
CA ALA A 133 14.03 -4.73 -20.07
C ALA A 133 14.52 -3.37 -20.60
N ILE A 134 14.59 -2.33 -19.78
CA ILE A 134 15.07 -1.05 -20.26
C ILE A 134 16.58 -0.99 -20.52
N THR A 135 17.36 -1.94 -19.99
CA THR A 135 18.77 -2.10 -20.35
C THR A 135 19.09 -3.57 -20.42
N PRO A 136 20.07 -3.99 -21.22
N PRO A 136 20.13 -3.86 -21.28
CA PRO A 136 20.44 -5.41 -21.09
CA PRO A 136 20.57 -5.19 -21.64
C PRO A 136 21.03 -5.86 -19.72
C PRO A 136 20.89 -6.07 -20.44
N GLU A 137 21.86 -5.01 -19.12
N GLU A 137 21.21 -5.44 -19.32
CA GLU A 137 22.63 -5.39 -17.94
CA GLU A 137 21.43 -6.18 -18.09
C GLU A 137 21.75 -5.45 -16.70
C GLU A 137 20.23 -7.04 -17.74
N GLY A 138 20.67 -4.68 -16.71
N GLY A 138 19.06 -6.64 -18.23
CA GLY A 138 19.76 -4.63 -15.59
CA GLY A 138 17.85 -7.41 -17.95
C GLY A 138 18.59 -5.58 -15.67
C GLY A 138 17.55 -8.51 -18.94
N ASN A 139 18.44 -6.28 -16.79
N ASN A 139 18.48 -8.82 -19.84
CA ASN A 139 17.33 -7.18 -17.03
CA ASN A 139 18.18 -9.74 -20.94
C ASN A 139 17.66 -8.51 -16.39
C ASN A 139 17.74 -11.14 -20.57
N SER A 140 17.00 -8.86 -15.29
N SER A 140 18.05 -11.61 -19.38
CA SER A 140 17.23 -10.13 -14.63
CA SER A 140 17.62 -12.97 -19.05
C SER A 140 16.45 -11.28 -15.30
C SER A 140 16.41 -12.97 -18.12
N GLY A 141 15.67 -10.97 -16.35
N GLY A 141 15.86 -11.78 -17.84
CA GLY A 141 14.97 -11.97 -17.13
CA GLY A 141 14.83 -11.63 -16.81
C GLY A 141 13.55 -11.54 -17.43
C GLY A 141 13.41 -11.45 -17.31
N ASN A 142 13.28 -11.27 -18.70
N ASN A 142 13.22 -11.38 -18.62
CA ASN A 142 11.94 -11.09 -19.22
CA ASN A 142 11.91 -11.05 -19.19
C ASN A 142 11.21 -9.89 -18.61
C ASN A 142 11.20 -9.92 -18.46
N GLY A 143 11.96 -8.89 -18.13
CA GLY A 143 11.36 -7.70 -17.49
C GLY A 143 11.54 -7.62 -16.00
N ALA A 144 11.94 -8.70 -15.34
CA ALA A 144 12.39 -8.64 -13.96
C ALA A 144 13.64 -7.78 -13.88
N GLY A 145 13.85 -7.15 -12.74
CA GLY A 145 15.09 -6.44 -12.52
C GLY A 145 15.12 -5.81 -11.14
N ALA A 146 16.33 -5.48 -10.69
CA ALA A 146 16.52 -4.89 -9.38
C ALA A 146 16.21 -3.41 -9.37
N ILE A 147 16.39 -2.75 -10.52
CA ILE A 147 16.18 -1.31 -10.66
C ILE A 147 14.93 -1.12 -11.50
N GLY A 148 15.05 -1.08 -12.82
CA GLY A 148 13.84 -1.19 -13.64
C GLY A 148 13.18 -2.53 -13.42
N ASN A 149 11.85 -2.52 -13.37
CA ASN A 149 11.09 -3.75 -13.09
C ASN A 149 9.65 -3.54 -13.48
N GLY A 150 8.97 -4.62 -13.87
CA GLY A 150 7.51 -4.62 -13.97
C GLY A 150 7.01 -5.23 -15.25
N ALA A 151 7.03 -4.49 -16.35
CA ALA A 151 6.45 -4.98 -17.60
C ALA A 151 7.29 -6.11 -18.15
N PRO A 152 6.68 -7.08 -18.82
CA PRO A 152 7.47 -8.07 -19.54
C PRO A 152 8.20 -7.46 -20.72
N ALA A 153 9.23 -8.17 -21.16
CA ALA A 153 10.01 -7.68 -22.28
C ALA A 153 9.16 -7.48 -23.53
N TRP A 154 8.19 -8.35 -23.79
CA TRP A 154 7.37 -8.22 -24.99
C TRP A 154 6.52 -6.95 -25.02
N ALA A 155 6.30 -6.34 -23.85
CA ALA A 155 5.50 -5.12 -23.70
C ALA A 155 6.38 -3.87 -23.61
N THR A 156 7.69 -4.01 -23.81
CA THR A 156 8.64 -2.91 -23.66
C THR A 156 9.14 -2.51 -25.04
N TYR A 157 8.78 -1.29 -25.46
CA TYR A 157 9.11 -0.76 -26.76
C TYR A 157 9.79 0.58 -26.58
N MET A 158 11.11 0.57 -26.59
CA MET A 158 11.92 1.79 -26.47
C MET A 158 12.28 2.40 -27.81
N ASP A 159 12.04 1.65 -28.88
CA ASP A 159 12.27 2.11 -30.23
C ASP A 159 13.70 2.57 -30.46
N GLY A 160 14.64 1.90 -29.82
CA GLY A 160 16.06 2.19 -30.01
C GLY A 160 16.55 3.45 -29.33
N LEU A 161 15.71 4.09 -28.51
CA LEU A 161 16.14 5.30 -27.82
C LEU A 161 16.94 4.93 -26.58
N PRO A 162 18.01 5.68 -26.30
CA PRO A 162 18.97 5.28 -25.27
C PRO A 162 18.49 5.36 -23.85
N VAL A 163 19.14 4.56 -23.02
CA VAL A 163 18.98 4.58 -21.58
C VAL A 163 20.38 4.51 -20.98
N GLU A 164 20.94 5.66 -20.64
CA GLU A 164 22.32 5.75 -20.18
C GLU A 164 22.38 5.65 -18.68
N PRO A 165 23.48 5.10 -18.13
CA PRO A 165 23.61 4.95 -16.68
C PRO A 165 23.41 6.26 -15.93
N GLN A 166 22.68 6.18 -14.83
CA GLN A 166 22.37 7.35 -14.00
C GLN A 166 22.85 7.15 -12.58
N PRO A 167 23.10 8.26 -11.86
CA PRO A 167 23.63 8.15 -10.51
C PRO A 167 22.63 7.82 -9.42
N ARG A 168 21.34 7.98 -9.69
CA ARG A 168 20.32 7.44 -8.80
C ARG A 168 19.16 6.97 -9.67
N TRP A 169 18.40 6.00 -9.16
CA TRP A 169 17.51 5.24 -10.04
C TRP A 169 16.38 6.06 -10.60
N GLU A 170 15.95 7.07 -9.84
CA GLU A 170 14.77 7.82 -10.26
C GLU A 170 15.01 8.57 -11.57
N LEU A 171 16.27 8.92 -11.83
CA LEU A 171 16.64 9.62 -13.06
C LEU A 171 16.41 8.79 -14.30
N TYR A 172 16.27 7.48 -14.19
CA TYR A 172 15.95 6.70 -15.38
C TYR A 172 14.60 7.06 -15.96
N TYR A 173 13.66 7.60 -15.15
CA TYR A 173 12.36 7.94 -15.68
C TYR A 173 12.42 8.88 -16.88
N ILE A 174 13.40 9.80 -16.89
CA ILE A 174 13.49 10.79 -17.95
C ILE A 174 14.50 10.45 -19.04
N GLN A 175 15.04 9.23 -19.01
CA GLN A 175 15.88 8.78 -20.12
C GLN A 175 15.01 8.48 -21.34
N PRO A 176 15.52 8.76 -22.55
CA PRO A 176 14.70 8.63 -23.76
C PRO A 176 14.01 7.30 -23.95
N GLY A 177 14.71 6.20 -23.74
CA GLY A 177 14.08 4.91 -23.97
C GLY A 177 12.96 4.61 -22.97
N VAL A 178 13.12 5.08 -21.74
CA VAL A 178 12.10 4.86 -20.71
C VAL A 178 10.88 5.71 -21.02
N MET A 179 11.10 6.98 -21.34
CA MET A 179 10.02 7.86 -21.75
C MET A 179 9.23 7.22 -22.91
N ARG A 180 9.95 6.69 -23.89
CA ARG A 180 9.31 6.08 -25.05
C ARG A 180 8.56 4.80 -24.68
N ALA A 181 9.11 3.99 -23.79
CA ALA A 181 8.39 2.79 -23.36
C ALA A 181 7.04 3.17 -22.76
N PHE A 182 7.01 4.19 -21.92
CA PHE A 182 5.75 4.67 -21.36
C PHE A 182 4.84 5.27 -22.43
N ASP A 183 5.41 6.07 -23.35
CA ASP A 183 4.59 6.65 -24.40
C ASP A 183 3.94 5.58 -25.26
N ASN A 184 4.65 4.49 -25.48
CA ASN A 184 4.06 3.36 -26.22
C ASN A 184 2.99 2.64 -25.41
N PHE A 185 3.25 2.39 -24.13
CA PHE A 185 2.27 1.77 -23.25
C PHE A 185 0.96 2.56 -23.22
N TRP A 186 1.06 3.86 -23.01
CA TRP A 186 -0.14 4.71 -22.96
C TRP A 186 -0.72 4.99 -24.34
N ASN A 187 -0.06 4.52 -25.39
CA ASN A 187 -0.43 4.74 -26.77
C ASN A 187 -0.46 6.21 -27.16
N THR A 188 0.38 7.00 -26.51
CA THR A 188 0.58 8.38 -26.93
C THR A 188 1.14 8.45 -28.34
N THR A 189 1.92 7.44 -28.71
CA THR A 189 2.52 7.35 -30.03
C THR A 189 1.55 6.87 -31.10
N GLY A 190 0.43 6.31 -30.69
CA GLY A 190 -0.53 5.67 -31.60
C GLY A 190 -0.15 4.29 -32.12
N LYS A 191 1.02 3.78 -31.72
CA LYS A 191 1.54 2.53 -32.29
CA LYS A 191 1.56 2.54 -32.29
C LYS A 191 1.18 1.28 -31.51
N HIS A 192 0.64 1.42 -30.29
CA HIS A 192 0.41 0.26 -29.42
C HIS A 192 -0.89 0.34 -28.63
N PRO A 193 -2.03 0.38 -29.32
CA PRO A 193 -3.30 0.39 -28.57
C PRO A 193 -3.53 -0.87 -27.74
N GLU A 194 -2.85 -1.97 -28.08
CA GLU A 194 -3.08 -3.23 -27.41
C GLU A 194 -2.55 -3.29 -25.99
N LEU A 195 -1.56 -2.47 -25.65
CA LEU A 195 -0.85 -2.71 -24.41
C LEU A 195 -1.71 -2.49 -23.16
N VAL A 196 -2.53 -1.44 -23.15
CA VAL A 196 -3.43 -1.24 -22.01
C VAL A 196 -4.46 -2.36 -21.94
N GLU A 197 -4.89 -2.88 -23.09
CA GLU A 197 -5.84 -3.98 -23.10
CA GLU A 197 -5.83 -3.99 -23.16
C GLU A 197 -5.21 -5.23 -22.50
N HIS A 198 -3.95 -5.51 -22.81
CA HIS A 198 -3.27 -6.64 -22.17
C HIS A 198 -3.20 -6.42 -20.67
N TYR A 199 -2.85 -5.20 -20.25
CA TYR A 199 -2.72 -4.89 -18.81
C TYR A 199 -4.02 -5.17 -18.07
N ALA A 200 -5.13 -4.70 -18.63
CA ALA A 200 -6.43 -4.90 -18.02
C ALA A 200 -6.76 -6.38 -17.90
N LYS A 201 -6.49 -7.16 -18.94
CA LYS A 201 -6.79 -8.60 -18.91
C LYS A 201 -5.85 -9.40 -18.02
N ALA A 202 -4.60 -8.92 -17.84
CA ALA A 202 -3.71 -9.51 -16.86
C ALA A 202 -4.28 -9.29 -15.46
N TRP A 203 -4.77 -8.09 -15.17
CA TRP A 203 -5.45 -7.87 -13.91
C TRP A 203 -6.68 -8.75 -13.75
N ARG A 204 -7.46 -8.93 -14.82
CA ARG A 204 -8.59 -9.83 -14.73
CA ARG A 204 -8.60 -9.85 -14.76
C ARG A 204 -8.16 -11.25 -14.34
N ALA A 205 -7.04 -11.70 -14.87
CA ALA A 205 -6.54 -13.02 -14.51
C ALA A 205 -6.18 -13.11 -13.03
N VAL A 206 -5.56 -12.07 -12.49
CA VAL A 206 -5.27 -12.02 -11.06
C VAL A 206 -6.55 -12.03 -10.25
N ALA A 207 -7.50 -11.19 -10.63
CA ALA A 207 -8.76 -11.06 -9.92
C ALA A 207 -9.55 -12.36 -9.95
N ASP A 208 -9.47 -13.10 -11.04
CA ASP A 208 -10.20 -14.37 -11.14
C ASP A 208 -9.65 -15.36 -10.11
N ARG A 209 -8.34 -15.34 -9.87
CA ARG A 209 -7.72 -16.19 -8.87
C ARG A 209 -8.04 -15.77 -7.45
N PHE A 210 -8.15 -14.48 -7.19
CA PHE A 210 -8.26 -13.97 -5.84
C PHE A 210 -9.63 -13.51 -5.40
N ALA A 211 -10.62 -13.57 -6.29
CA ALA A 211 -11.95 -13.10 -5.92
C ALA A 211 -12.50 -13.77 -4.68
N ASP A 212 -12.25 -15.05 -4.51
CA ASP A 212 -12.80 -15.77 -3.37
C ASP A 212 -11.83 -15.91 -2.21
N ASN A 213 -10.77 -15.09 -2.21
CA ASN A 213 -9.77 -15.15 -1.17
C ASN A 213 -10.11 -14.16 -0.06
N ASP A 214 -10.45 -14.70 1.12
CA ASP A 214 -10.93 -13.87 2.20
C ASP A 214 -9.89 -13.02 2.88
N ALA A 215 -8.63 -13.13 2.50
CA ALA A 215 -7.60 -12.24 3.04
C ALA A 215 -7.31 -11.07 2.12
N VAL A 216 -7.69 -11.13 0.85
CA VAL A 216 -7.44 -10.08 -0.11
C VAL A 216 -8.56 -9.06 -0.02
N VAL A 217 -8.18 -7.80 0.21
CA VAL A 217 -9.16 -6.73 0.26
C VAL A 217 -9.02 -5.69 -0.85
N ALA A 218 -7.89 -5.67 -1.54
CA ALA A 218 -7.63 -4.57 -2.45
C ALA A 218 -6.67 -4.97 -3.56
N TYR A 219 -6.89 -4.35 -4.71
CA TYR A 219 -6.04 -4.46 -5.89
C TYR A 219 -5.53 -3.07 -6.20
N ASP A 220 -4.23 -2.83 -6.07
CA ASP A 220 -3.58 -1.54 -6.38
C ASP A 220 -3.09 -1.61 -7.82
N LEU A 221 -3.82 -0.93 -8.70
CA LEU A 221 -3.72 -1.22 -10.13
C LEU A 221 -2.38 -0.93 -10.77
N MET A 222 -1.67 0.12 -10.33
CA MET A 222 -0.34 0.42 -10.89
C MET A 222 0.46 1.21 -9.91
N ASN A 223 1.64 0.71 -9.56
CA ASN A 223 2.55 1.51 -8.77
C ASN A 223 3.02 2.73 -9.55
N GLU A 224 2.92 3.90 -8.93
CA GLU A 224 3.52 5.17 -9.39
C GLU A 224 3.42 5.35 -10.90
N PRO A 225 2.18 5.52 -11.39
CA PRO A 225 2.01 5.83 -12.81
C PRO A 225 2.84 7.03 -13.25
N PHE A 226 3.44 6.90 -14.41
CA PHE A 226 4.26 7.93 -15.03
C PHE A 226 3.83 8.07 -16.47
N GLY A 227 3.62 9.29 -16.90
CA GLY A 227 3.05 9.56 -18.23
C GLY A 227 4.05 9.66 -19.34
N GLY A 228 5.34 9.57 -19.07
CA GLY A 228 6.34 9.77 -20.11
C GLY A 228 6.31 11.20 -20.60
N SER A 229 6.10 11.35 -21.90
CA SER A 229 6.00 12.68 -22.49
C SER A 229 4.74 13.43 -22.11
N LEU A 230 3.71 12.74 -21.60
CA LEU A 230 2.45 13.38 -21.22
C LEU A 230 2.44 13.52 -19.71
N GLN A 231 2.22 14.73 -19.21
CA GLN A 231 2.40 15.02 -17.79
C GLN A 231 1.26 15.83 -17.21
N GLY A 232 0.91 15.51 -15.97
CA GLY A 232 -0.09 16.26 -15.23
C GLY A 232 -1.49 15.82 -15.52
N PRO A 233 -2.45 16.68 -15.22
CA PRO A 233 -3.86 16.33 -15.40
C PRO A 233 -4.24 15.76 -16.76
N ALA A 234 -3.63 16.19 -17.86
CA ALA A 234 -3.97 15.60 -19.16
C ALA A 234 -3.64 14.12 -19.20
N PHE A 235 -2.55 13.72 -18.54
CA PHE A 235 -2.21 12.32 -18.41
C PHE A 235 -3.20 11.63 -17.46
N GLU A 236 -3.37 12.20 -16.28
CA GLU A 236 -4.14 11.56 -15.23
C GLU A 236 -5.61 11.35 -15.62
N ALA A 237 -6.20 12.38 -16.23
CA ALA A 237 -7.60 12.37 -16.60
C ALA A 237 -7.82 11.76 -17.97
N GLY A 238 -6.74 11.52 -18.70
CA GLY A 238 -6.77 10.99 -20.03
C GLY A 238 -6.44 9.50 -19.99
N PRO A 239 -5.25 9.11 -20.46
CA PRO A 239 -4.96 7.69 -20.54
C PRO A 239 -4.87 6.95 -19.21
N LEU A 240 -4.46 7.61 -18.15
CA LEU A 240 -4.37 6.92 -16.86
C LEU A 240 -5.78 6.50 -16.40
N ALA A 241 -6.68 7.48 -16.31
CA ALA A 241 -8.05 7.20 -15.90
C ALA A 241 -8.69 6.18 -16.86
N ALA A 242 -8.38 6.27 -18.16
CA ALA A 242 -8.97 5.33 -19.10
C ALA A 242 -8.50 3.90 -18.85
N MET A 243 -7.21 3.74 -18.52
CA MET A 243 -6.69 2.42 -18.16
C MET A 243 -7.32 1.93 -16.88
N TYR A 244 -7.50 2.81 -15.90
CA TYR A 244 -8.13 2.39 -14.66
C TYR A 244 -9.57 1.97 -14.91
N GLN A 245 -10.28 2.67 -15.79
CA GLN A 245 -11.67 2.30 -16.06
C GLN A 245 -11.76 0.95 -16.77
N ARG A 246 -10.91 0.76 -17.78
CA ARG A 246 -10.90 -0.50 -18.52
C ARG A 246 -10.55 -1.67 -17.59
N THR A 247 -9.57 -1.44 -16.72
CA THR A 247 -9.13 -2.48 -15.80
C THR A 247 -10.17 -2.78 -14.73
N THR A 248 -10.80 -1.75 -14.20
CA THR A 248 -11.90 -1.91 -13.23
C THR A 248 -12.99 -2.76 -13.86
N ASP A 249 -13.37 -2.41 -15.08
CA ASP A 249 -14.40 -3.17 -15.79
C ASP A 249 -14.01 -4.63 -15.98
N ALA A 250 -12.75 -4.88 -16.33
CA ALA A 250 -12.28 -6.24 -16.54
C ALA A 250 -12.29 -7.03 -15.22
N ILE A 251 -11.80 -6.43 -14.15
CA ILE A 251 -11.81 -7.05 -12.82
C ILE A 251 -13.23 -7.38 -12.41
N ARG A 252 -14.17 -6.47 -12.66
CA ARG A 252 -15.55 -6.68 -12.26
C ARG A 252 -16.29 -7.73 -13.10
N GLN A 253 -15.68 -8.24 -14.15
CA GLN A 253 -16.21 -9.44 -14.81
C GLN A 253 -16.09 -10.68 -13.94
N VAL A 254 -15.13 -10.69 -13.00
CA VAL A 254 -14.80 -11.88 -12.22
C VAL A 254 -14.75 -11.65 -10.70
N ASP A 255 -14.80 -10.40 -10.22
CA ASP A 255 -14.64 -10.12 -8.81
C ASP A 255 -15.48 -8.90 -8.47
N GLN A 256 -16.56 -9.08 -7.71
CA GLN A 256 -17.47 -7.97 -7.41
C GLN A 256 -17.08 -7.19 -6.19
N ASP A 257 -16.30 -7.78 -5.29
CA ASP A 257 -16.20 -7.27 -3.93
C ASP A 257 -14.84 -6.69 -3.51
N THR A 258 -13.77 -7.02 -4.19
CA THR A 258 -12.46 -6.47 -3.83
C THR A 258 -12.43 -4.98 -4.15
N TRP A 259 -11.84 -4.17 -3.28
CA TRP A 259 -11.64 -2.74 -3.55
CA TRP A 259 -11.64 -2.76 -3.57
C TRP A 259 -10.62 -2.60 -4.66
N VAL A 260 -10.93 -1.75 -5.64
CA VAL A 260 -10.01 -1.39 -6.71
C VAL A 260 -9.39 -0.06 -6.31
N CYS A 261 -8.07 -0.07 -6.17
CA CYS A 261 -7.33 1.07 -5.64
C CYS A 261 -6.54 1.73 -6.74
N VAL A 262 -6.71 3.03 -6.87
CA VAL A 262 -6.14 3.83 -7.92
C VAL A 262 -5.21 4.88 -7.32
N ALA A 263 -4.12 5.14 -8.05
CA ALA A 263 -3.10 6.10 -7.66
C ALA A 263 -3.10 7.28 -8.63
N PRO A 264 -2.70 8.46 -8.13
CA PRO A 264 -2.45 9.58 -9.04
C PRO A 264 -1.14 9.32 -9.78
N GLN A 265 -0.81 10.17 -10.75
CA GLN A 265 0.58 10.18 -11.19
C GLN A 265 1.46 10.46 -9.96
N ALA A 266 2.62 9.83 -9.90
CA ALA A 266 3.49 9.98 -8.75
C ALA A 266 4.34 11.24 -8.81
N ILE A 267 4.96 11.51 -9.96
CA ILE A 267 5.86 12.65 -10.05
C ILE A 267 5.07 13.93 -9.70
N GLY A 268 5.62 14.73 -8.80
CA GLY A 268 4.98 15.94 -8.35
C GLY A 268 3.99 15.73 -7.24
N VAL A 269 3.03 14.83 -7.47
CA VAL A 269 1.99 14.55 -6.49
C VAL A 269 2.57 13.90 -5.21
N ASN A 270 3.53 12.99 -5.37
CA ASN A 270 4.25 12.45 -4.23
C ASN A 270 4.88 13.53 -3.36
N GLN A 271 5.29 14.63 -4.01
CA GLN A 271 6.00 15.74 -3.41
C GLN A 271 5.06 16.87 -2.98
N GLY A 272 3.75 16.67 -3.04
CA GLY A 272 2.78 17.63 -2.51
C GLY A 272 1.97 18.43 -3.52
N LEU A 273 2.16 18.21 -4.81
CA LEU A 273 1.34 18.88 -5.83
C LEU A 273 -0.02 18.19 -6.00
N PRO A 274 -1.01 18.92 -6.50
CA PRO A 274 -2.33 18.32 -6.70
C PRO A 274 -2.37 17.32 -7.83
N SER A 275 -3.31 16.40 -7.71
CA SER A 275 -3.63 15.46 -8.77
C SER A 275 -4.85 15.90 -9.59
N GLY A 276 -4.83 15.64 -10.88
CA GLY A 276 -6.01 15.77 -11.72
C GLY A 276 -6.73 14.48 -12.03
N LEU A 277 -6.50 13.43 -11.24
CA LEU A 277 -7.21 12.17 -11.45
C LEU A 277 -8.71 12.39 -11.28
N THR A 278 -9.48 11.74 -12.15
CA THR A 278 -10.93 11.87 -12.19
C THR A 278 -11.62 10.55 -11.78
N LYS A 279 -12.92 10.64 -11.55
CA LYS A 279 -13.70 9.56 -10.99
C LYS A 279 -13.72 8.35 -11.90
N ILE A 280 -13.56 7.19 -11.27
CA ILE A 280 -13.67 5.90 -11.93
C ILE A 280 -15.04 5.30 -11.58
N ASP A 281 -15.74 4.81 -12.60
CA ASP A 281 -17.03 4.17 -12.40
C ASP A 281 -16.83 2.72 -12.00
N ASP A 282 -17.54 2.28 -10.98
CA ASP A 282 -17.49 0.89 -10.52
C ASP A 282 -18.81 0.23 -10.94
N PRO A 283 -18.77 -0.74 -11.86
CA PRO A 283 -20.01 -1.37 -12.29
C PRO A 283 -20.62 -2.35 -11.28
N ARG A 284 -20.00 -2.59 -10.13
CA ARG A 284 -20.61 -3.48 -9.16
C ARG A 284 -21.97 -2.98 -8.73
N ALA A 285 -22.84 -3.93 -8.39
CA ALA A 285 -24.14 -3.60 -7.83
C ALA A 285 -23.94 -2.96 -6.46
N GLY A 286 -24.73 -1.95 -6.16
CA GLY A 286 -24.64 -1.28 -4.88
C GLY A 286 -23.58 -0.21 -4.86
N GLN A 287 -22.99 0.00 -3.71
CA GLN A 287 -22.05 1.09 -3.54
C GLN A 287 -20.73 0.81 -4.24
N GLN A 288 -20.08 1.86 -4.71
CA GLN A 288 -18.78 1.70 -5.34
C GLN A 288 -17.74 1.20 -4.32
N ARG A 289 -16.77 0.43 -4.81
CA ARG A 289 -15.62 -0.01 -4.01
C ARG A 289 -14.33 0.33 -4.75
N ILE A 290 -14.14 1.64 -4.93
CA ILE A 290 -12.89 2.25 -5.37
C ILE A 290 -12.24 2.90 -4.16
N ALA A 291 -10.92 2.75 -4.03
CA ALA A 291 -10.18 3.47 -3.00
C ALA A 291 -9.00 4.20 -3.64
N TYR A 292 -8.42 5.12 -2.88
CA TYR A 292 -7.34 5.99 -3.37
C TYR A 292 -6.07 5.65 -2.65
N CYS A 293 -5.00 5.38 -3.39
CA CYS A 293 -3.77 4.89 -2.78
CA CYS A 293 -3.76 4.90 -2.80
CA CYS A 293 -3.76 4.88 -2.82
C CYS A 293 -2.53 5.70 -3.22
N PRO A 294 -2.48 6.97 -2.83
CA PRO A 294 -1.32 7.80 -3.14
C PRO A 294 -0.12 7.46 -2.24
N HIS A 295 1.03 8.01 -2.63
CA HIS A 295 2.28 7.86 -1.92
C HIS A 295 2.74 9.22 -1.41
N LEU A 296 3.72 9.24 -0.52
CA LEU A 296 4.19 10.47 0.12
C LEU A 296 5.71 10.43 0.21
N TYR A 297 6.37 11.28 -0.57
CA TYR A 297 7.85 11.35 -0.62
C TYR A 297 8.24 12.84 -0.71
N PRO A 298 8.27 13.53 0.42
CA PRO A 298 8.62 14.94 0.41
C PRO A 298 10.01 15.19 -0.15
N LEU A 299 10.10 16.17 -1.02
CA LEU A 299 11.37 16.50 -1.66
C LEU A 299 12.42 17.04 -0.66
N PRO A 300 12.01 17.90 0.30
CA PRO A 300 13.03 18.42 1.23
C PRO A 300 13.71 17.33 2.07
N LEU A 301 12.95 16.30 2.42
CA LEU A 301 13.46 15.19 3.20
C LEU A 301 14.56 14.46 2.42
N ASP A 302 14.34 14.31 1.12
CA ASP A 302 15.28 13.63 0.24
C ASP A 302 16.52 14.48 0.01
N ILE A 303 16.34 15.69 -0.52
CA ILE A 303 17.46 16.59 -0.84
C ILE A 303 18.22 17.03 0.40
N GLY A 304 17.51 17.22 1.50
CA GLY A 304 18.12 17.62 2.77
C GLY A 304 18.75 16.50 3.59
N ASP A 305 18.57 15.25 3.17
CA ASP A 305 19.14 14.09 3.86
C ASP A 305 18.73 14.07 5.33
N GLY A 306 17.46 14.38 5.59
CA GLY A 306 16.97 14.34 6.95
C GLY A 306 15.88 15.33 7.24
N HIS A 307 15.55 15.41 8.52
CA HIS A 307 14.35 16.10 8.97
C HIS A 307 14.70 17.03 10.13
N GLU A 308 15.53 18.01 9.81
CA GLU A 308 15.91 19.08 10.73
CA GLU A 308 15.82 19.09 10.75
C GLU A 308 15.95 20.41 9.99
N GLY A 309 15.95 21.51 10.74
CA GLY A 309 16.10 22.84 10.15
C GLY A 309 15.04 23.20 9.12
N LEU A 310 15.43 23.91 8.06
CA LEU A 310 14.46 24.36 7.07
C LEU A 310 13.89 23.16 6.33
N ALA A 311 14.68 22.09 6.16
CA ALA A 311 14.15 20.89 5.51
C ALA A 311 12.93 20.39 6.28
N ARG A 312 13.02 20.33 7.59
CA ARG A 312 11.87 19.92 8.41
CA ARG A 312 11.89 19.92 8.41
C ARG A 312 10.69 20.85 8.21
N THR A 313 10.94 22.17 8.21
CA THR A 313 9.86 23.14 8.00
C THR A 313 9.12 22.83 6.70
N LEU A 314 9.88 22.60 5.65
CA LEU A 314 9.32 22.39 4.32
C LEU A 314 8.72 21.00 4.14
N THR A 315 9.27 20.01 4.82
CA THR A 315 8.65 18.68 4.81
C THR A 315 7.31 18.71 5.55
N ASP A 316 7.24 19.41 6.67
CA ASP A 316 5.97 19.51 7.38
C ASP A 316 4.91 20.21 6.50
N VAL A 317 5.29 21.26 5.79
CA VAL A 317 4.39 21.89 4.82
C VAL A 317 3.97 20.89 3.76
N THR A 318 4.91 20.10 3.26
CA THR A 318 4.58 19.10 2.24
C THR A 318 3.54 18.14 2.75
N ILE A 319 3.71 17.63 3.97
CA ILE A 319 2.74 16.67 4.51
C ILE A 319 1.37 17.30 4.55
N ASP A 320 1.28 18.54 5.04
CA ASP A 320 -0.02 19.20 5.16
C ASP A 320 -0.65 19.49 3.79
N ALA A 321 0.17 19.91 2.82
CA ALA A 321 -0.33 20.14 1.47
C ALA A 321 -0.81 18.85 0.84
N TRP A 322 -0.02 17.79 1.02
CA TRP A 322 -0.36 16.46 0.55
C TRP A 322 -1.68 15.99 1.14
N ARG A 323 -1.87 16.23 2.43
CA ARG A 323 -3.12 15.81 3.06
C ARG A 323 -4.31 16.49 2.39
N ALA A 324 -4.22 17.79 2.17
CA ALA A 324 -5.33 18.52 1.55
C ALA A 324 -5.58 18.04 0.16
N ASN A 325 -4.53 17.82 -0.61
CA ASN A 325 -4.71 17.33 -1.97
C ASN A 325 -5.28 15.92 -2.00
N THR A 326 -4.80 15.07 -1.11
CA THR A 326 -5.27 13.68 -1.05
C THR A 326 -6.76 13.64 -0.70
N ALA A 327 -7.16 14.44 0.29
CA ALA A 327 -8.56 14.52 0.67
C ALA A 327 -9.42 15.00 -0.49
N HIS A 328 -8.93 15.98 -1.24
CA HIS A 328 -9.67 16.47 -2.40
C HIS A 328 -9.89 15.39 -3.43
N THR A 329 -8.82 14.69 -3.84
CA THR A 329 -8.98 13.68 -4.86
C THR A 329 -9.85 12.52 -4.36
N ALA A 330 -9.73 12.17 -3.08
CA ALA A 330 -10.59 11.12 -2.54
C ALA A 330 -12.06 11.52 -2.61
N ARG A 331 -12.37 12.82 -2.45
CA ARG A 331 -13.73 13.31 -2.68
C ARG A 331 -14.12 13.18 -4.17
N VAL A 332 -13.26 13.63 -5.06
CA VAL A 332 -13.51 13.54 -6.50
C VAL A 332 -13.85 12.12 -6.92
N LEU A 333 -13.15 11.14 -6.35
CA LEU A 333 -13.36 9.74 -6.70
C LEU A 333 -14.64 9.15 -6.15
N GLY A 334 -15.33 9.91 -5.28
CA GLY A 334 -16.61 9.49 -4.71
C GLY A 334 -16.58 9.29 -3.19
N ASP A 335 -15.87 10.17 -2.49
CA ASP A 335 -15.74 10.12 -1.02
C ASP A 335 -15.20 8.78 -0.58
N VAL A 336 -14.04 8.42 -1.12
CA VAL A 336 -13.54 7.07 -1.04
C VAL A 336 -12.53 6.92 0.12
N PRO A 337 -12.29 5.66 0.55
CA PRO A 337 -11.22 5.40 1.51
C PRO A 337 -9.84 5.71 0.95
N ILE A 338 -8.92 5.98 1.84
CA ILE A 338 -7.55 6.28 1.48
C ILE A 338 -6.60 5.25 2.12
N ILE A 339 -5.61 4.83 1.32
CA ILE A 339 -4.48 4.07 1.81
C ILE A 339 -3.23 4.79 1.38
N LEU A 340 -2.38 5.15 2.33
CA LEU A 340 -1.03 5.64 2.03
C LEU A 340 -0.20 4.42 1.69
N GLY A 341 -0.05 4.18 0.39
CA GLY A 341 0.50 2.92 -0.08
C GLY A 341 2.00 2.82 0.05
N SER A 342 2.71 3.94 0.16
CA SER A 342 4.15 3.91 0.25
C SER A 342 4.64 5.26 0.79
N PHE A 343 5.52 5.16 1.79
CA PHE A 343 6.29 6.28 2.30
C PHE A 343 7.41 5.62 3.10
N GLY A 344 8.51 6.31 3.27
CA GLY A 344 9.59 5.79 4.09
C GLY A 344 10.83 6.62 3.94
N LEU A 345 11.87 6.28 4.71
CA LEU A 345 13.16 6.94 4.65
C LEU A 345 14.21 6.10 5.35
N ASP A 346 15.47 6.45 5.17
CA ASP A 346 16.55 5.90 5.96
C ASP A 346 16.38 6.33 7.40
N THR A 347 16.12 5.36 8.27
CA THR A 347 15.75 5.63 9.65
C THR A 347 16.89 6.15 10.49
N THR A 348 18.12 6.16 9.95
CA THR A 348 19.27 6.70 10.69
C THR A 348 19.42 8.20 10.51
N LEU A 349 18.62 8.81 9.64
CA LEU A 349 18.77 10.24 9.38
C LEU A 349 18.29 11.08 10.55
N PRO A 350 18.82 12.29 10.70
CA PRO A 350 18.36 13.16 11.78
C PRO A 350 16.86 13.43 11.67
N GLY A 351 16.16 13.32 12.78
CA GLY A 351 14.73 13.60 12.81
C GLY A 351 13.86 12.51 12.23
N ALA A 352 14.42 11.33 11.90
CA ALA A 352 13.62 10.33 11.19
C ALA A 352 12.42 9.87 12.00
N ARG A 353 12.62 9.59 13.28
CA ARG A 353 11.51 9.12 14.09
C ARG A 353 10.40 10.17 14.15
N ASP A 354 10.77 11.44 14.29
CA ASP A 354 9.77 12.49 14.29
C ASP A 354 8.98 12.52 12.98
N TYR A 355 9.67 12.37 11.86
CA TYR A 355 9.00 12.33 10.57
C TYR A 355 8.01 11.17 10.49
N ILE A 356 8.46 9.98 10.86
CA ILE A 356 7.62 8.80 10.80
C ILE A 356 6.38 9.01 11.67
N GLU A 357 6.58 9.49 12.90
CA GLU A 357 5.45 9.71 13.81
C GLU A 357 4.49 10.74 13.25
N ARG A 358 5.00 11.78 12.62
CA ARG A 358 4.16 12.78 12.00
CA ARG A 358 4.15 12.80 12.00
C ARG A 358 3.29 12.18 10.89
N VAL A 359 3.90 11.38 10.04
CA VAL A 359 3.15 10.75 8.95
C VAL A 359 2.07 9.82 9.50
N TYR A 360 2.42 8.99 10.47
CA TYR A 360 1.41 8.10 11.02
C TYR A 360 0.30 8.86 11.76
N GLY A 361 0.61 9.98 12.37
CA GLY A 361 -0.43 10.80 13.00
C GLY A 361 -1.38 11.40 11.99
N THR A 362 -0.81 11.88 10.88
CA THR A 362 -1.58 12.39 9.78
C THR A 362 -2.47 11.30 9.18
N ALA A 363 -1.89 10.12 8.95
CA ALA A 363 -2.71 9.01 8.43
C ALA A 363 -3.85 8.68 9.38
N ARG A 364 -3.58 8.66 10.66
CA ARG A 364 -4.60 8.39 11.67
C ARG A 364 -5.73 9.41 11.56
N GLU A 365 -5.39 10.69 11.51
CA GLU A 365 -6.42 11.74 11.40
C GLU A 365 -7.21 11.64 10.10
N MET A 366 -6.57 11.22 9.02
CA MET A 366 -7.21 11.06 7.71
C MET A 366 -8.01 9.77 7.59
N GLY A 367 -7.98 8.89 8.59
CA GLY A 367 -8.59 7.59 8.46
C GLY A 367 -7.96 6.74 7.38
N ALA A 368 -6.64 6.89 7.19
CA ALA A 368 -5.93 6.21 6.12
C ALA A 368 -5.25 4.96 6.60
N GLY A 369 -5.22 3.93 5.75
CA GLY A 369 -4.31 2.80 5.95
C GLY A 369 -2.89 3.23 5.61
N VAL A 370 -1.91 2.43 6.02
CA VAL A 370 -0.51 2.71 5.72
C VAL A 370 0.25 1.43 5.44
N SER A 371 0.97 1.40 4.33
CA SER A 371 1.99 0.38 4.07
C SER A 371 3.33 1.10 3.89
N TYR A 372 4.22 0.92 4.87
CA TYR A 372 5.54 1.54 4.90
C TYR A 372 6.46 0.91 3.85
N TRP A 373 7.32 1.73 3.25
CA TRP A 373 8.31 1.26 2.29
C TRP A 373 9.66 1.11 2.99
N SER A 374 10.11 -0.11 3.32
CA SER A 374 9.50 -1.41 3.00
C SER A 374 10.00 -2.41 4.05
N SER A 375 9.60 -3.67 3.91
CA SER A 375 10.10 -4.69 4.81
C SER A 375 11.54 -5.12 4.51
N ASP A 376 12.09 -4.70 3.38
CA ASP A 376 13.40 -5.18 2.93
C ASP A 376 14.50 -4.83 3.91
N PRO A 377 15.53 -5.67 3.97
CA PRO A 377 16.66 -5.43 4.89
C PRO A 377 17.41 -4.14 4.59
N GLY A 378 17.77 -3.42 5.64
CA GLY A 378 18.54 -2.20 5.52
C GLY A 378 17.97 -1.11 6.41
N PRO A 379 18.64 0.05 6.44
CA PRO A 379 18.25 1.12 7.36
C PRO A 379 16.89 1.79 7.10
N TRP A 380 16.32 1.63 5.90
CA TRP A 380 14.93 2.05 5.70
C TRP A 380 13.92 1.17 6.41
N GLY A 381 14.26 -0.10 6.51
CA GLY A 381 13.32 -1.12 6.96
C GLY A 381 13.34 -1.36 8.45
N PRO A 382 12.57 -2.37 8.90
CA PRO A 382 12.52 -2.72 10.31
C PRO A 382 13.76 -3.44 10.82
N TYR A 383 14.44 -4.17 9.95
CA TYR A 383 15.62 -4.97 10.32
C TYR A 383 16.76 -4.73 9.36
N LEU A 384 17.97 -4.70 9.92
CA LEU A 384 19.18 -4.64 9.14
C LEU A 384 19.48 -6.02 8.55
N PRO A 385 20.44 -6.11 7.65
CA PRO A 385 20.79 -7.40 7.07
C PRO A 385 21.10 -8.52 8.06
N ASP A 386 21.69 -8.21 9.22
CA ASP A 386 21.97 -9.25 10.22
C ASP A 386 20.80 -9.59 11.11
N GLY A 387 19.65 -8.98 10.87
CA GLY A 387 18.44 -9.28 11.63
C GLY A 387 18.21 -8.36 12.80
N THR A 388 19.16 -7.47 13.10
CA THR A 388 19.08 -6.45 14.17
CA THR A 388 18.91 -6.59 14.23
C THR A 388 17.95 -5.46 13.84
N GLN A 389 17.23 -4.97 14.83
CA GLN A 389 16.17 -4.00 14.57
C GLN A 389 16.74 -2.60 14.35
N THR A 390 16.11 -1.87 13.44
CA THR A 390 16.32 -0.44 13.32
C THR A 390 15.40 0.27 14.29
N LEU A 391 15.46 1.60 14.33
CA LEU A 391 14.54 2.34 15.19
C LEU A 391 13.10 2.23 14.72
N LEU A 392 12.87 1.71 13.52
CA LEU A 392 11.51 1.62 13.01
C LEU A 392 10.62 0.73 13.88
N VAL A 393 11.16 -0.37 14.40
CA VAL A 393 10.34 -1.34 15.12
C VAL A 393 9.67 -0.70 16.31
N ASP A 394 10.44 -0.05 17.16
CA ASP A 394 9.85 0.57 18.34
CA ASP A 394 9.88 0.59 18.34
C ASP A 394 8.93 1.72 17.96
N THR A 395 9.21 2.40 16.85
CA THR A 395 8.36 3.49 16.42
C THR A 395 6.99 2.99 16.00
N LEU A 396 6.96 1.87 15.29
CA LEU A 396 5.72 1.33 14.76
C LEU A 396 4.94 0.49 15.77
N ASN A 397 5.60 -0.02 16.80
CA ASN A 397 4.99 -0.98 17.69
C ASN A 397 4.18 -0.28 18.78
N LYS A 398 3.03 0.21 18.37
CA LYS A 398 2.11 0.95 19.23
C LYS A 398 0.73 0.34 19.17
N PRO A 399 -0.06 0.53 20.24
CA PRO A 399 -1.45 0.05 20.18
C PRO A 399 -2.22 0.71 19.06
N TYR A 400 -3.12 -0.03 18.43
CA TYR A 400 -4.01 0.57 17.45
C TYR A 400 -5.27 -0.28 17.31
N PRO A 401 -6.39 0.33 16.88
CA PRO A 401 -7.58 -0.45 16.58
C PRO A 401 -7.39 -1.08 15.21
N ARG A 402 -7.64 -2.37 15.09
CA ARG A 402 -7.53 -3.09 13.84
C ARG A 402 -8.83 -3.11 13.05
N ALA A 403 -9.93 -3.40 13.75
CA ALA A 403 -11.24 -3.59 13.11
C ALA A 403 -12.26 -3.07 14.11
N VAL A 404 -12.98 -2.03 13.72
CA VAL A 404 -13.83 -1.32 14.66
C VAL A 404 -15.29 -1.57 14.35
N ALA A 405 -16.08 -1.90 15.37
CA ALA A 405 -17.52 -2.14 15.21
C ALA A 405 -18.24 -0.80 15.16
N GLY A 406 -18.09 -0.10 14.04
CA GLY A 406 -18.61 1.25 13.83
C GLY A 406 -17.53 2.12 13.24
N THR A 407 -17.86 3.36 12.93
CA THR A 407 -16.88 4.27 12.36
C THR A 407 -16.03 4.86 13.48
N PRO A 408 -14.70 4.69 13.43
CA PRO A 408 -13.82 5.30 14.42
C PRO A 408 -13.75 6.79 14.13
N THR A 409 -14.18 7.64 15.06
CA THR A 409 -14.20 9.10 14.84
C THR A 409 -12.88 9.77 15.20
N GLU A 410 -12.18 9.24 16.20
CA GLU A 410 -10.89 9.72 16.65
C GLU A 410 -10.27 8.65 17.52
N TRP A 411 -8.95 8.56 17.53
CA TRP A 411 -8.28 7.68 18.45
C TRP A 411 -6.89 8.20 18.70
N SER A 412 -6.25 7.64 19.72
CA SER A 412 -4.90 8.00 20.09
C SER A 412 -4.25 6.81 20.76
N SER A 413 -2.94 6.73 20.71
CA SER A 413 -2.25 5.76 21.54
C SER A 413 -0.85 6.17 21.89
N THR A 414 -0.39 5.63 23.01
CA THR A 414 0.97 5.70 23.47
C THR A 414 1.37 4.27 23.79
N SER A 415 2.59 4.08 24.26
CA SER A 415 3.10 2.75 24.57
CA SER A 415 3.11 2.75 24.59
C SER A 415 2.20 1.99 25.55
N ASP A 416 1.53 2.72 26.43
CA ASP A 416 0.72 2.06 27.47
C ASP A 416 -0.70 2.61 27.61
N ARG A 417 -1.26 3.12 26.52
CA ARG A 417 -2.61 3.60 26.54
C ARG A 417 -3.18 3.65 25.13
N LEU A 418 -4.47 3.37 25.00
CA LEU A 418 -5.20 3.60 23.76
C LEU A 418 -6.55 4.18 24.10
N GLN A 419 -6.98 5.18 23.35
CA GLN A 419 -8.33 5.70 23.47
C GLN A 419 -8.96 5.76 22.06
N LEU A 420 -10.24 5.42 21.96
CA LEU A 420 -10.93 5.31 20.68
C LEU A 420 -12.37 5.73 20.87
N THR A 421 -12.87 6.59 19.98
CA THR A 421 -14.26 6.97 19.98
C THR A 421 -14.91 6.37 18.74
N ILE A 422 -16.08 5.76 18.93
CA ILE A 422 -16.78 4.97 17.92
C ILE A 422 -18.18 5.52 17.72
N GLU A 423 -18.57 5.71 16.46
CA GLU A 423 -19.96 5.99 16.09
C GLU A 423 -20.65 4.63 15.95
N PRO A 424 -21.66 4.37 16.78
CA PRO A 424 -22.23 3.03 16.87
C PRO A 424 -22.91 2.53 15.62
N ASP A 425 -22.95 1.21 15.47
CA ASP A 425 -23.64 0.56 14.38
C ASP A 425 -24.18 -0.76 14.94
N ALA A 426 -25.44 -0.76 15.35
CA ALA A 426 -26.03 -1.92 16.01
C ALA A 426 -26.13 -3.17 15.13
N ALA A 427 -26.01 -3.01 13.81
CA ALA A 427 -26.00 -4.15 12.90
C ALA A 427 -24.75 -5.02 12.99
N ILE A 428 -23.66 -4.44 13.50
CA ILE A 428 -22.41 -5.15 13.65
C ILE A 428 -22.42 -5.90 14.98
N THR A 429 -22.25 -7.21 14.90
CA THR A 429 -22.22 -8.07 16.07
C THR A 429 -20.80 -8.51 16.45
N ALA A 430 -19.85 -8.41 15.54
CA ALA A 430 -18.48 -8.74 15.85
C ALA A 430 -17.88 -7.69 16.78
N PRO A 431 -16.95 -8.10 17.65
CA PRO A 431 -16.35 -7.14 18.57
C PRO A 431 -15.37 -6.21 17.88
N THR A 432 -15.10 -5.07 18.50
CA THR A 432 -13.97 -4.24 18.12
C THR A 432 -12.68 -4.97 18.52
N GLU A 433 -11.71 -5.00 17.61
CA GLU A 433 -10.45 -5.73 17.78
C GLU A 433 -9.31 -4.73 17.79
N ILE A 434 -8.45 -4.82 18.80
CA ILE A 434 -7.38 -3.88 19.07
C ILE A 434 -6.08 -4.64 19.32
N TYR A 435 -4.97 -4.14 18.79
CA TYR A 435 -3.64 -4.66 19.10
C TYR A 435 -3.05 -3.93 20.28
N LEU A 436 -2.51 -4.68 21.23
CA LEU A 436 -1.81 -4.14 22.39
C LEU A 436 -0.42 -4.76 22.51
N PRO A 437 0.66 -3.96 22.36
CA PRO A 437 2.00 -4.49 22.49
C PRO A 437 2.33 -4.97 23.89
N GLU A 438 3.17 -5.98 23.97
CA GLU A 438 3.60 -6.55 25.23
C GLU A 438 4.39 -5.56 26.05
N ALA A 439 5.16 -4.72 25.36
CA ALA A 439 5.98 -3.70 26.00
C ALA A 439 5.20 -2.91 27.05
N GLY A 440 4.04 -2.38 26.67
CA GLY A 440 3.22 -1.55 27.55
C GLY A 440 2.10 -2.27 28.28
N PHE A 441 1.75 -3.47 27.85
CA PHE A 441 0.67 -4.25 28.44
C PHE A 441 1.21 -5.63 28.82
N PRO A 442 2.03 -5.68 29.89
CA PRO A 442 2.65 -6.95 30.28
C PRO A 442 1.73 -7.97 30.96
N GLY A 443 0.50 -7.60 31.27
CA GLY A 443 -0.41 -8.52 31.94
C GLY A 443 -1.80 -8.38 31.39
N ASP A 444 -2.74 -8.07 32.28
CA ASP A 444 -4.13 -7.90 31.90
CA ASP A 444 -4.17 -7.90 31.97
C ASP A 444 -4.43 -6.45 31.57
N VAL A 445 -5.66 -6.19 31.15
CA VAL A 445 -6.06 -4.91 30.66
C VAL A 445 -7.16 -4.36 31.54
N HIS A 446 -7.26 -3.03 31.56
CA HIS A 446 -8.38 -2.33 32.13
C HIS A 446 -9.03 -1.56 31.00
N VAL A 447 -10.34 -1.74 30.82
CA VAL A 447 -11.08 -1.08 29.74
C VAL A 447 -12.25 -0.32 30.32
N GLU A 448 -12.28 0.97 30.00
CA GLU A 448 -13.36 1.87 30.37
C GLU A 448 -14.18 2.10 29.11
N GLY A 449 -15.49 1.97 29.20
CA GLY A 449 -16.40 2.27 28.12
C GLY A 449 -16.79 1.10 27.24
N ALA A 450 -16.29 -0.09 27.56
CA ALA A 450 -16.61 -1.30 26.82
C ALA A 450 -16.42 -2.51 27.72
N ASP A 451 -17.04 -3.61 27.34
CA ASP A 451 -16.84 -4.89 28.00
C ASP A 451 -15.78 -5.68 27.28
N VAL A 452 -14.86 -6.27 28.01
CA VAL A 452 -13.84 -7.13 27.43
C VAL A 452 -14.41 -8.49 27.15
N VAL A 453 -14.39 -8.88 25.87
CA VAL A 453 -14.82 -10.19 25.33
CA VAL A 453 -14.82 -10.23 25.57
C VAL A 453 -13.65 -11.18 25.32
N GLY A 454 -12.50 -10.70 24.86
CA GLY A 454 -11.30 -11.53 24.75
C GLY A 454 -10.06 -10.70 25.00
N TRP A 455 -9.06 -11.30 25.64
CA TRP A 455 -7.75 -10.69 25.75
C TRP A 455 -6.74 -11.82 25.54
N ASP A 456 -6.30 -11.93 24.28
CA ASP A 456 -5.42 -13.02 23.86
C ASP A 456 -4.00 -12.50 23.96
N ARG A 457 -3.32 -12.91 25.02
CA ARG A 457 -1.97 -12.45 25.29
CA ARG A 457 -2.00 -12.34 25.23
C ARG A 457 -0.93 -13.02 24.38
N GLN A 458 -1.27 -14.07 23.64
CA GLN A 458 -0.37 -14.63 22.65
C GLN A 458 -0.44 -13.86 21.35
N SER A 459 -1.64 -13.69 20.81
CA SER A 459 -1.82 -12.94 19.56
C SER A 459 -1.78 -11.42 19.76
N ARG A 460 -1.89 -10.97 21.00
CA ARG A 460 -1.91 -9.56 21.37
C ARG A 460 -3.18 -8.84 20.94
N LEU A 461 -4.27 -9.60 20.82
CA LEU A 461 -5.54 -9.04 20.37
C LEU A 461 -6.54 -8.95 21.52
N LEU A 462 -7.00 -7.73 21.75
CA LEU A 462 -8.06 -7.40 22.65
C LEU A 462 -9.35 -7.26 21.85
N THR A 463 -10.43 -7.91 22.29
CA THR A 463 -11.72 -7.75 21.67
C THR A 463 -12.69 -7.23 22.71
N VAL A 464 -13.45 -6.20 22.33
CA VAL A 464 -14.37 -5.53 23.22
C VAL A 464 -15.71 -5.31 22.55
N ARG A 465 -16.75 -5.16 23.38
CA ARG A 465 -18.09 -4.85 22.92
C ARG A 465 -18.58 -3.58 23.58
N THR A 466 -19.16 -2.71 22.77
CA THR A 466 -19.63 -1.40 23.21
C THR A 466 -21.15 -1.30 23.01
N PRO A 467 -21.84 -0.47 23.82
CA PRO A 467 -23.27 -0.24 23.60
C PRO A 467 -23.49 0.48 22.28
N ALA A 468 -24.60 0.18 21.62
CA ALA A 468 -24.95 0.86 20.38
C ALA A 468 -26.13 1.83 20.58
N ASP A 469 -26.65 1.95 21.80
CA ASP A 469 -27.85 2.75 22.09
C ASP A 469 -27.60 4.02 22.93
N SER A 470 -26.35 4.48 22.99
CA SER A 470 -25.96 5.61 23.84
CA SER A 470 -25.98 5.61 23.83
C SER A 470 -25.14 6.64 23.08
N GLY A 471 -25.30 6.69 21.77
CA GLY A 471 -24.52 7.62 20.94
C GLY A 471 -23.07 7.21 20.82
N ASN A 472 -22.20 8.16 20.52
CA ASN A 472 -20.77 7.85 20.36
C ASN A 472 -20.17 7.35 21.67
N VAL A 473 -19.35 6.29 21.57
CA VAL A 473 -18.78 5.65 22.74
C VAL A 473 -17.27 5.85 22.73
N THR A 474 -16.70 6.26 23.85
CA THR A 474 -15.25 6.37 24.01
C THR A 474 -14.76 5.23 24.87
N VAL A 475 -13.81 4.48 24.34
CA VAL A 475 -13.20 3.33 24.97
C VAL A 475 -11.76 3.69 25.33
N THR A 476 -11.36 3.46 26.58
CA THR A 476 -10.01 3.73 27.03
C THR A 476 -9.39 2.46 27.60
N VAL A 477 -8.23 2.09 27.07
CA VAL A 477 -7.56 0.85 27.38
C VAL A 477 -6.22 1.15 28.04
N THR A 478 -6.03 0.63 29.25
CA THR A 478 -4.80 0.84 30.00
C THR A 478 -4.34 -0.49 30.63
N PRO A 479 -3.08 -0.57 31.08
CA PRO A 479 -2.62 -1.81 31.71
C PRO A 479 -3.29 -2.00 33.07
N ALA A 480 -3.62 -3.24 33.40
CA ALA A 480 -4.15 -3.55 34.72
C ALA A 480 -3.07 -3.27 35.78
N ALA A 481 -3.51 -2.90 36.98
CA ALA A 481 -2.60 -2.61 38.09
C ALA A 481 -1.79 -3.84 38.48
#